data_9MG4
#
_entry.id   9MG4
#
_cell.length_a   95.160
_cell.length_b   95.160
_cell.length_c   248.942
_cell.angle_alpha   90.00
_cell.angle_beta   90.00
_cell.angle_gamma   120.00
#
_symmetry.space_group_name_H-M   'H 3 2'
#
loop_
_entity.id
_entity.type
_entity.pdbx_description
1 polymer 'mRNA cap guanine-N7 methyltransferase'
2 non-polymer S-ADENOSYL-L-HOMOCYSTEINE
3 non-polymer 1,2-ETHANEDIOL
4 non-polymer 'ACETATE ION'
5 water water
#
_entity_poly.entity_id   1
_entity_poly.type   'polypeptide(L)'
_entity_poly.pdbx_seq_one_letter_code
;SSPIIKLRNFNNAIKYMLIDKYTKPGDVVLELGCGKGGDLRKYGAAGISQFIGIDISNASIQEAHKRYRSMRNLDYQVVL
ITGDCFGESLGVAVEPFPDCRFPCDIVSTQFCLHYAFETEEKARRALLNVAKSLKIGGHFFGTIPDSEFIRYKLNKFPKE
VEKPSWGNSIYKVTFENNSYQKNDYEFTSPYGQMYTYWLEDAIDNVPEYVVPFETLRSLADEYGLELVSQMPFNKFFVQE
IPKWIERFSPKMREGLQRSDGRYGVEGDEKEAASYFYTMFAFRKVKQYIEPESVKPN
;
_entity_poly.pdbx_strand_id   A
#
# COMPACT_ATOMS: atom_id res chain seq x y z
N SER A 1 -19.03 12.63 6.38
CA SER A 1 -20.49 12.68 6.34
C SER A 1 -21.07 11.33 5.92
N SER A 2 -20.90 10.98 4.65
CA SER A 2 -21.33 9.67 4.18
C SER A 2 -20.31 8.61 4.58
N PRO A 3 -20.74 7.35 4.65
CA PRO A 3 -19.78 6.27 4.98
C PRO A 3 -18.54 6.27 4.11
N ILE A 4 -18.68 6.51 2.80
CA ILE A 4 -17.50 6.45 1.94
C ILE A 4 -16.56 7.63 2.22
N ILE A 5 -17.12 8.79 2.58
CA ILE A 5 -16.28 9.93 2.90
C ILE A 5 -15.51 9.67 4.18
N LYS A 6 -16.16 9.06 5.17
CA LYS A 6 -15.47 8.72 6.40
C LYS A 6 -14.38 7.68 6.15
N LEU A 7 -14.62 6.74 5.21
CA LEU A 7 -13.57 5.80 4.85
C LEU A 7 -12.37 6.53 4.26
N ARG A 8 -12.63 7.47 3.35
CA ARG A 8 -11.52 8.20 2.75
C ARG A 8 -10.75 9.00 3.79
N ASN A 9 -11.47 9.66 4.71
CA ASN A 9 -10.78 10.39 5.78
C ASN A 9 -9.94 9.45 6.63
N PHE A 10 -10.49 8.28 6.96
CA PHE A 10 -9.77 7.34 7.81
C PHE A 10 -8.52 6.82 7.10
N ASN A 11 -8.66 6.46 5.83
CA ASN A 11 -7.47 5.93 5.14
C ASN A 11 -6.42 7.01 4.95
N ASN A 12 -6.83 8.26 4.77
CA ASN A 12 -5.85 9.34 4.71
C ASN A 12 -5.16 9.51 6.05
N ALA A 13 -5.90 9.41 7.15
CA ALA A 13 -5.29 9.43 8.47
C ALA A 13 -4.27 8.31 8.62
N ILE A 14 -4.65 7.09 8.20
CA ILE A 14 -3.71 5.97 8.27
C ILE A 14 -2.43 6.31 7.52
N LYS A 15 -2.55 6.90 6.34
CA LYS A 15 -1.35 7.16 5.54
C LYS A 15 -0.47 8.23 6.19
N TYR A 16 -1.07 9.29 6.73
CA TYR A 16 -0.31 10.24 7.53
C TYR A 16 0.43 9.53 8.66
N MET A 17 -0.28 8.68 9.39
CA MET A 17 0.34 8.01 10.54
C MET A 17 1.48 7.12 10.08
N LEU A 18 1.27 6.41 8.97
CA LEU A 18 2.30 5.53 8.46
C LEU A 18 3.52 6.30 7.97
N ILE A 19 3.29 7.32 7.14
CA ILE A 19 4.39 8.10 6.58
C ILE A 19 5.20 8.74 7.68
N ASP A 20 4.53 9.39 8.63
CA ASP A 20 5.30 10.11 9.61
C ASP A 20 5.93 9.20 10.65
N LYS A 21 5.46 7.96 10.80
CA LYS A 21 6.11 7.02 11.71
C LYS A 21 7.51 6.63 11.22
N TYR A 22 7.68 6.44 9.90
CA TYR A 22 8.92 5.86 9.39
C TYR A 22 9.77 6.81 8.57
N THR A 23 9.20 7.91 8.08
CA THR A 23 9.93 8.82 7.21
C THR A 23 10.63 9.89 8.03
N LYS A 24 11.87 10.19 7.66
CA LYS A 24 12.69 11.12 8.42
C LYS A 24 13.02 12.35 7.58
N PRO A 25 13.33 13.47 8.21
CA PRO A 25 13.76 14.65 7.46
C PRO A 25 14.93 14.33 6.54
N GLY A 26 14.89 14.86 5.32
CA GLY A 26 15.93 14.62 4.37
C GLY A 26 15.80 13.33 3.58
N ASP A 27 14.81 12.50 3.89
CA ASP A 27 14.68 11.22 3.21
C ASP A 27 14.38 11.41 1.72
N VAL A 28 14.85 10.46 0.92
CA VAL A 28 14.39 10.28 -0.45
C VAL A 28 13.32 9.20 -0.44
N VAL A 29 12.16 9.52 -0.99
CA VAL A 29 10.98 8.65 -0.94
C VAL A 29 10.68 8.17 -2.35
N LEU A 30 10.57 6.85 -2.51
CA LEU A 30 10.12 6.24 -3.77
C LEU A 30 8.69 5.75 -3.57
N GLU A 31 7.76 6.37 -4.26
CA GLU A 31 6.34 6.10 -4.12
C GLU A 31 5.92 5.28 -5.33
N LEU A 32 5.80 3.96 -5.14
CA LEU A 32 5.44 3.10 -6.25
C LEU A 32 3.93 2.99 -6.32
N GLY A 33 3.40 3.06 -7.52
CA GLY A 33 1.95 3.03 -7.68
C GLY A 33 1.33 4.29 -7.13
N CYS A 34 1.99 5.44 -7.34
CA CYS A 34 1.64 6.70 -6.68
C CYS A 34 0.32 7.29 -7.16
N GLY A 35 -0.27 6.74 -8.21
CA GLY A 35 -1.55 7.27 -8.70
C GLY A 35 -1.41 8.71 -9.15
N LYS A 36 -2.43 9.50 -8.82
CA LYS A 36 -2.43 10.92 -9.16
C LYS A 36 -1.65 11.77 -8.17
N GLY A 37 -0.85 11.13 -7.31
CA GLY A 37 0.01 11.83 -6.38
C GLY A 37 -0.68 12.29 -5.11
N GLY A 38 -1.73 11.59 -4.69
CA GLY A 38 -2.53 12.02 -3.54
C GLY A 38 -1.77 12.07 -2.23
N ASP A 39 -0.63 11.40 -2.13
CA ASP A 39 0.17 11.41 -0.91
C ASP A 39 1.40 12.28 -1.04
N LEU A 40 1.63 12.86 -2.21
CA LEU A 40 2.76 13.76 -2.44
C LEU A 40 2.88 14.79 -1.33
N ARG A 41 1.77 15.44 -0.99
CA ARG A 41 1.79 16.51 0.00
C ARG A 41 1.90 16.02 1.43
N LYS A 42 1.62 14.73 1.68
CA LYS A 42 1.73 14.21 3.05
C LYS A 42 3.17 14.13 3.50
N TYR A 43 4.12 14.13 2.57
CA TYR A 43 5.52 14.06 2.97
C TYR A 43 6.11 15.40 3.37
N GLY A 44 5.38 16.49 3.20
CA GLY A 44 5.94 17.79 3.49
C GLY A 44 6.26 17.96 4.96
N ALA A 45 5.33 17.54 5.84
CA ALA A 45 5.56 17.66 7.28
C ALA A 45 6.71 16.78 7.73
N ALA A 46 6.94 15.67 7.04
CA ALA A 46 8.09 14.82 7.33
C ALA A 46 9.40 15.46 6.94
N GLY A 47 9.39 16.45 6.06
CA GLY A 47 10.59 17.18 5.72
C GLY A 47 11.52 16.43 4.79
N ILE A 48 10.96 15.65 3.87
CA ILE A 48 11.79 14.86 2.96
C ILE A 48 12.53 15.77 1.98
N SER A 49 13.51 15.20 1.28
CA SER A 49 14.28 15.95 0.31
CA SER A 49 14.29 15.95 0.31
C SER A 49 13.86 15.68 -1.12
N GLN A 50 13.33 14.50 -1.42
CA GLN A 50 12.94 14.17 -2.78
C GLN A 50 11.83 13.14 -2.75
N PHE A 51 10.83 13.33 -3.62
CA PHE A 51 9.72 12.40 -3.80
C PHE A 51 9.79 11.90 -5.23
N ILE A 52 9.90 10.59 -5.41
CA ILE A 52 9.90 9.97 -6.72
C ILE A 52 8.63 9.14 -6.81
N GLY A 53 7.70 9.56 -7.66
CA GLY A 53 6.42 8.89 -7.81
C GLY A 53 6.38 8.18 -9.15
N ILE A 54 6.07 6.87 -9.12
CA ILE A 54 5.97 6.09 -10.33
C ILE A 54 4.61 5.40 -10.37
N ASP A 55 3.98 5.44 -11.55
CA ASP A 55 2.71 4.77 -11.71
C ASP A 55 2.61 4.31 -13.15
N ILE A 56 1.92 3.18 -13.34
CA ILE A 56 1.77 2.62 -14.67
C ILE A 56 0.75 3.39 -15.50
N SER A 57 -0.14 4.15 -14.87
CA SER A 57 -1.15 4.93 -15.59
C SER A 57 -0.55 6.26 -16.01
N ASN A 58 -0.37 6.45 -17.32
CA ASN A 58 0.12 7.73 -17.79
C ASN A 58 -0.89 8.84 -17.51
N ALA A 59 -2.18 8.53 -17.57
CA ALA A 59 -3.21 9.53 -17.26
C ALA A 59 -3.08 10.01 -15.83
N SER A 60 -2.87 9.08 -14.89
CA SER A 60 -2.71 9.47 -13.49
C SER A 60 -1.45 10.30 -13.30
N ILE A 61 -0.36 9.92 -13.98
CA ILE A 61 0.88 10.69 -13.85
C ILE A 61 0.73 12.07 -14.48
N GLN A 62 0.06 12.15 -15.64
CA GLN A 62 -0.23 13.45 -16.22
C GLN A 62 -1.01 14.32 -15.24
N GLU A 63 -2.01 13.74 -14.59
CA GLU A 63 -2.77 14.48 -13.60
C GLU A 63 -1.91 14.83 -12.39
N ALA A 64 -1.01 13.92 -11.98
CA ALA A 64 -0.07 14.24 -10.91
C ALA A 64 0.77 15.46 -11.28
N HIS A 65 1.30 15.50 -12.52
CA HIS A 65 2.05 16.66 -12.99
C HIS A 65 1.20 17.92 -12.93
N LYS A 66 -0.04 17.83 -13.42
CA LYS A 66 -0.91 19.01 -13.47
C LYS A 66 -1.20 19.53 -12.08
N ARG A 67 -1.45 18.64 -11.12
CA ARG A 67 -1.74 19.07 -9.77
C ARG A 67 -0.50 19.64 -9.09
N TYR A 68 0.68 19.09 -9.38
CA TYR A 68 1.91 19.65 -8.82
C TYR A 68 2.21 21.02 -9.43
N ARG A 69 1.90 21.19 -10.71
CA ARG A 69 2.23 22.45 -11.39
C ARG A 69 1.47 23.62 -10.77
N SER A 70 0.18 23.43 -10.46
CA SER A 70 -0.58 24.49 -9.80
C SER A 70 -0.13 24.72 -8.37
N MET A 71 0.48 23.72 -7.74
CA MET A 71 1.07 23.91 -6.42
C MET A 71 2.35 24.73 -6.53
N ARG A 72 2.56 25.62 -5.56
CA ARG A 72 3.89 26.18 -5.39
C ARG A 72 4.86 25.05 -5.11
N ASN A 73 6.07 25.16 -5.66
CA ASN A 73 7.08 24.13 -5.45
C ASN A 73 7.39 23.97 -3.97
N LEU A 74 7.20 22.77 -3.45
CA LEU A 74 7.48 22.47 -2.06
C LEU A 74 8.98 22.55 -1.80
N ASP A 75 9.37 22.26 -0.56
CA ASP A 75 10.79 22.28 -0.23
C ASP A 75 11.53 21.04 -0.73
N TYR A 76 10.82 20.05 -1.26
CA TYR A 76 11.47 18.87 -1.81
C TYR A 76 11.27 18.80 -3.31
N GLN A 77 12.23 18.16 -3.98
CA GLN A 77 12.08 17.92 -5.41
C GLN A 77 11.07 16.81 -5.63
N VAL A 78 10.28 16.97 -6.69
CA VAL A 78 9.26 15.98 -7.06
C VAL A 78 9.60 15.47 -8.44
N VAL A 79 9.69 14.15 -8.56
CA VAL A 79 9.89 13.48 -9.83
C VAL A 79 8.71 12.55 -10.03
N LEU A 80 8.05 12.67 -11.18
CA LEU A 80 6.87 11.85 -11.47
C LEU A 80 7.10 11.09 -12.77
N ILE A 81 6.95 9.77 -12.72
CA ILE A 81 7.36 8.90 -13.82
C ILE A 81 6.22 7.95 -14.16
N THR A 82 5.92 7.82 -15.45
CA THR A 82 5.04 6.76 -15.91
C THR A 82 5.88 5.50 -16.09
N GLY A 83 5.51 4.43 -15.39
CA GLY A 83 6.27 3.20 -15.53
C GLY A 83 5.62 2.06 -14.78
N ASP A 84 5.93 0.85 -15.24
CA ASP A 84 5.46 -0.38 -14.60
C ASP A 84 6.43 -0.72 -13.48
N CYS A 85 5.96 -0.64 -12.23
CA CYS A 85 6.78 -0.91 -11.05
C CYS A 85 6.83 -2.37 -10.66
N PHE A 86 6.01 -3.21 -11.27
CA PHE A 86 5.82 -4.58 -10.81
C PHE A 86 6.18 -5.61 -11.86
N GLY A 87 5.88 -5.33 -13.12
CA GLY A 87 6.14 -6.25 -14.20
C GLY A 87 7.44 -5.99 -14.94
N GLU A 88 8.18 -4.94 -14.57
CA GLU A 88 9.43 -4.61 -15.22
C GLU A 88 10.41 -4.15 -14.17
N SER A 89 11.70 -4.23 -14.50
CA SER A 89 12.73 -3.65 -13.64
C SER A 89 12.56 -2.14 -13.55
N LEU A 90 12.79 -1.59 -12.36
CA LEU A 90 12.63 -0.14 -12.20
CA LEU A 90 12.65 -0.15 -12.17
C LEU A 90 13.66 0.65 -13.00
N GLY A 91 14.79 0.04 -13.35
CA GLY A 91 15.81 0.77 -14.08
C GLY A 91 15.30 1.36 -15.37
N VAL A 92 14.38 0.65 -16.04
CA VAL A 92 13.78 1.15 -17.28
C VAL A 92 13.02 2.45 -17.01
N ALA A 93 12.27 2.49 -15.92
CA ALA A 93 11.43 3.65 -15.63
C ALA A 93 12.26 4.87 -15.24
N VAL A 94 13.29 4.67 -14.42
CA VAL A 94 13.99 5.81 -13.83
C VAL A 94 15.22 6.26 -14.63
N GLU A 95 15.69 5.46 -15.57
CA GLU A 95 16.85 5.86 -16.37
C GLU A 95 16.69 7.24 -17.02
N PRO A 96 15.53 7.64 -17.55
CA PRO A 96 15.41 8.99 -18.12
C PRO A 96 15.35 10.10 -17.07
N PHE A 97 15.45 9.77 -15.79
CA PHE A 97 15.27 10.72 -14.70
C PHE A 97 16.50 10.67 -13.79
N PRO A 98 17.63 11.17 -14.28
CA PRO A 98 18.88 11.09 -13.49
C PRO A 98 18.83 11.88 -12.20
N ASP A 99 17.88 12.79 -12.02
CA ASP A 99 17.78 13.51 -10.74
C ASP A 99 17.42 12.59 -9.59
N CYS A 100 16.85 11.41 -9.87
CA CYS A 100 16.50 10.46 -8.81
C CYS A 100 17.72 10.12 -7.98
N ARG A 101 17.56 10.13 -6.67
CA ARG A 101 18.69 9.93 -5.77
C ARG A 101 18.56 8.54 -5.15
N PHE A 102 19.06 7.53 -5.88
CA PHE A 102 19.11 6.18 -5.37
C PHE A 102 20.50 5.86 -4.85
N PRO A 103 20.61 5.00 -3.83
CA PRO A 103 19.53 4.33 -3.11
C PRO A 103 18.75 5.29 -2.23
N CYS A 104 17.45 5.05 -2.09
CA CYS A 104 16.57 5.92 -1.34
C CYS A 104 16.38 5.40 0.08
N ASP A 105 15.64 6.18 0.87
CA ASP A 105 15.41 5.86 2.27
C ASP A 105 14.09 5.16 2.52
N ILE A 106 13.09 5.47 1.71
CA ILE A 106 11.74 4.99 1.91
C ILE A 106 11.24 4.48 0.57
N VAL A 107 10.63 3.30 0.57
CA VAL A 107 9.78 2.89 -0.54
C VAL A 107 8.37 2.76 0.01
N SER A 108 7.42 3.40 -0.65
CA SER A 108 6.03 3.37 -0.20
C SER A 108 5.18 2.76 -1.31
N THR A 109 4.38 1.75 -0.96
CA THR A 109 3.35 1.23 -1.86
C THR A 109 2.00 1.34 -1.13
N GLN A 110 1.22 2.33 -1.48
CA GLN A 110 -0.08 2.56 -0.86
C GLN A 110 -1.18 2.02 -1.77
N PHE A 111 -1.90 1.01 -1.28
CA PHE A 111 -3.09 0.48 -1.95
C PHE A 111 -2.79 0.01 -3.36
N CYS A 112 -1.63 -0.62 -3.55
CA CYS A 112 -1.27 -1.07 -4.89
C CYS A 112 -0.43 -2.33 -4.95
N LEU A 113 0.27 -2.70 -3.86
CA LEU A 113 1.18 -3.83 -3.96
C LEU A 113 0.45 -5.11 -4.30
N HIS A 114 -0.82 -5.22 -3.90
CA HIS A 114 -1.55 -6.44 -4.18
C HIS A 114 -1.73 -6.68 -5.67
N TYR A 115 -1.59 -5.67 -6.51
CA TYR A 115 -1.63 -5.93 -7.94
C TYR A 115 -0.41 -6.72 -8.42
N ALA A 116 0.70 -6.63 -7.68
CA ALA A 116 1.90 -7.39 -8.03
C ALA A 116 1.75 -8.87 -7.79
N PHE A 117 0.78 -9.29 -6.99
CA PHE A 117 0.65 -10.71 -6.68
C PHE A 117 -0.16 -11.48 -7.71
N GLU A 118 -0.38 -10.87 -8.89
CA GLU A 118 -0.96 -11.58 -10.02
C GLU A 118 -0.20 -12.85 -10.35
N THR A 119 1.13 -12.81 -10.30
CA THR A 119 1.96 -13.98 -10.53
C THR A 119 3.13 -13.92 -9.58
N GLU A 120 3.78 -15.08 -9.37
CA GLU A 120 5.02 -15.08 -8.61
C GLU A 120 6.09 -14.24 -9.27
N GLU A 121 6.16 -14.28 -10.59
CA GLU A 121 7.15 -13.49 -11.33
CA GLU A 121 7.15 -13.49 -11.31
C GLU A 121 6.97 -12.00 -11.03
N LYS A 122 5.73 -11.53 -11.04
CA LYS A 122 5.48 -10.11 -10.79
C LYS A 122 5.70 -9.76 -9.33
N ALA A 123 5.31 -10.65 -8.42
CA ALA A 123 5.54 -10.39 -6.99
C ALA A 123 7.04 -10.29 -6.71
N ARG A 124 7.82 -11.19 -7.27
CA ARG A 124 9.25 -11.17 -7.05
C ARG A 124 9.91 -9.97 -7.73
N ARG A 125 9.43 -9.60 -8.92
CA ARG A 125 9.99 -8.43 -9.60
C ARG A 125 9.71 -7.16 -8.80
N ALA A 126 8.50 -7.03 -8.27
CA ALA A 126 8.16 -5.88 -7.44
C ALA A 126 9.06 -5.81 -6.21
N LEU A 127 9.18 -6.93 -5.48
CA LEU A 127 9.94 -6.91 -4.26
C LEU A 127 11.43 -6.72 -4.51
N LEU A 128 11.95 -7.28 -5.61
CA LEU A 128 13.34 -6.99 -5.96
C LEU A 128 13.52 -5.50 -6.30
N ASN A 129 12.55 -4.93 -7.03
CA ASN A 129 12.58 -3.49 -7.28
C ASN A 129 12.65 -2.70 -5.98
N VAL A 130 11.79 -3.05 -5.01
CA VAL A 130 11.80 -2.36 -3.72
C VAL A 130 13.17 -2.51 -3.06
N ALA A 131 13.63 -3.74 -2.93
CA ALA A 131 14.84 -4.01 -2.16
C ALA A 131 16.05 -3.32 -2.77
N LYS A 132 16.21 -3.43 -4.10
CA LYS A 132 17.37 -2.86 -4.75
C LYS A 132 17.39 -1.34 -4.65
N SER A 133 16.23 -0.70 -4.51
CA SER A 133 16.16 0.75 -4.45
CA SER A 133 16.18 0.75 -4.46
C SER A 133 16.64 1.31 -3.12
N LEU A 134 16.62 0.52 -2.05
CA LEU A 134 16.77 1.03 -0.71
C LEU A 134 18.20 0.98 -0.20
N LYS A 135 18.53 1.93 0.67
CA LYS A 135 19.70 1.81 1.50
C LYS A 135 19.51 0.70 2.52
N ILE A 136 20.62 0.11 2.98
CA ILE A 136 20.54 -0.69 4.19
C ILE A 136 20.14 0.26 5.32
N GLY A 137 19.12 -0.14 6.09
CA GLY A 137 18.47 0.74 7.04
C GLY A 137 17.29 1.50 6.49
N GLY A 138 17.07 1.47 5.18
CA GLY A 138 15.88 2.04 4.61
C GLY A 138 14.66 1.21 4.95
N HIS A 139 13.50 1.81 4.73
CA HIS A 139 12.25 1.16 5.07
C HIS A 139 11.33 1.08 3.87
N PHE A 140 10.57 -0.01 3.85
CA PHE A 140 9.55 -0.27 2.86
C PHE A 140 8.24 -0.39 3.62
N PHE A 141 7.31 0.52 3.36
CA PHE A 141 6.03 0.43 4.06
C PHE A 141 4.89 0.55 3.06
N GLY A 142 3.69 0.18 3.51
CA GLY A 142 2.58 0.25 2.59
C GLY A 142 1.32 -0.31 3.20
N THR A 143 0.30 -0.37 2.36
CA THR A 143 -1.06 -0.70 2.77
C THR A 143 -1.65 -1.66 1.76
N ILE A 144 -2.12 -2.81 2.23
CA ILE A 144 -2.69 -3.84 1.36
C ILE A 144 -3.88 -4.47 2.06
N PRO A 145 -4.76 -5.14 1.32
CA PRO A 145 -5.80 -5.94 1.98
C PRO A 145 -5.15 -6.95 2.90
N ASP A 146 -5.78 -7.16 4.05
CA ASP A 146 -5.26 -8.06 5.07
C ASP A 146 -5.67 -9.48 4.72
N SER A 147 -4.70 -10.32 4.35
CA SER A 147 -5.02 -11.69 3.97
C SER A 147 -5.70 -12.45 5.11
N GLU A 148 -5.46 -12.04 6.35
CA GLU A 148 -6.07 -12.77 7.46
C GLU A 148 -7.55 -12.44 7.61
N PHE A 149 -7.93 -11.20 7.30
CA PHE A 149 -9.35 -10.89 7.22
C PHE A 149 -9.98 -11.58 6.02
N ILE A 150 -9.29 -11.58 4.89
CA ILE A 150 -9.81 -12.27 3.71
C ILE A 150 -10.00 -13.76 3.99
N ARG A 151 -9.01 -14.39 4.64
CA ARG A 151 -9.15 -15.79 5.00
C ARG A 151 -10.31 -16.00 5.96
N TYR A 152 -10.44 -15.13 6.97
CA TYR A 152 -11.55 -15.21 7.91
C TYR A 152 -12.90 -15.22 7.18
N LYS A 153 -13.06 -14.35 6.18
CA LYS A 153 -14.31 -14.29 5.44
C LYS A 153 -14.45 -15.49 4.52
N LEU A 154 -13.38 -15.88 3.83
CA LEU A 154 -13.44 -17.04 2.94
C LEU A 154 -13.78 -18.30 3.71
N ASN A 155 -13.32 -18.42 4.95
CA ASN A 155 -13.57 -19.60 5.77
C ASN A 155 -15.04 -19.78 6.12
N LYS A 156 -15.88 -18.77 5.88
CA LYS A 156 -17.30 -18.86 6.19
C LYS A 156 -18.12 -19.46 5.07
N PHE A 157 -17.53 -19.67 3.91
CA PHE A 157 -18.32 -20.19 2.79
C PHE A 157 -18.24 -21.71 2.71
N PRO A 158 -19.37 -22.39 2.57
CA PRO A 158 -19.34 -23.82 2.27
C PRO A 158 -18.70 -24.04 0.90
N LYS A 159 -18.18 -25.24 0.68
CA LYS A 159 -17.48 -25.52 -0.56
C LYS A 159 -18.35 -25.36 -1.79
N GLU A 160 -19.67 -25.46 -1.64
CA GLU A 160 -20.58 -25.39 -2.79
C GLU A 160 -20.66 -24.00 -3.42
N VAL A 161 -20.33 -22.92 -2.71
CA VAL A 161 -20.44 -21.58 -3.28
C VAL A 161 -19.36 -21.41 -4.34
N GLU A 162 -19.75 -21.20 -5.59
CA GLU A 162 -18.77 -21.19 -6.68
C GLU A 162 -17.95 -19.92 -6.71
N LYS A 163 -18.55 -18.77 -6.40
CA LYS A 163 -17.84 -17.49 -6.44
C LYS A 163 -18.11 -16.75 -5.14
N PRO A 164 -17.38 -17.09 -4.08
CA PRO A 164 -17.60 -16.44 -2.78
C PRO A 164 -17.53 -14.93 -2.89
N SER A 165 -18.53 -14.27 -2.33
CA SER A 165 -18.60 -12.82 -2.38
C SER A 165 -19.13 -12.29 -1.07
N TRP A 166 -18.60 -11.14 -0.63
CA TRP A 166 -19.14 -10.44 0.52
C TRP A 166 -18.92 -8.94 0.33
N GLY A 167 -19.52 -8.16 1.22
CA GLY A 167 -19.32 -6.73 1.19
C GLY A 167 -20.36 -6.04 2.05
N ASN A 168 -20.53 -4.75 1.81
CA ASN A 168 -21.58 -3.97 2.44
C ASN A 168 -21.91 -2.80 1.51
N SER A 169 -22.46 -1.72 2.06
CA SER A 169 -22.97 -0.64 1.21
C SER A 169 -21.89 0.03 0.38
N ILE A 170 -20.63 -0.05 0.81
CA ILE A 170 -19.56 0.71 0.16
C ILE A 170 -18.46 -0.14 -0.43
N TYR A 171 -18.44 -1.45 -0.20
CA TYR A 171 -17.44 -2.26 -0.89
C TYR A 171 -17.96 -3.66 -1.14
N LYS A 172 -17.30 -4.35 -2.07
CA LYS A 172 -17.66 -5.72 -2.36
C LYS A 172 -16.45 -6.45 -2.90
N VAL A 173 -16.33 -7.71 -2.49
CA VAL A 173 -15.29 -8.62 -2.95
C VAL A 173 -16.02 -9.80 -3.60
N THR A 174 -15.57 -10.19 -4.80
CA THR A 174 -16.14 -11.36 -5.48
C THR A 174 -14.99 -12.22 -5.98
N PHE A 175 -14.81 -13.38 -5.37
CA PHE A 175 -13.71 -14.24 -5.75
C PHE A 175 -13.98 -14.94 -7.08
N GLU A 176 -12.89 -15.14 -7.83
CA GLU A 176 -13.00 -15.74 -9.16
C GLU A 176 -13.48 -17.17 -9.07
N ASN A 177 -13.04 -17.91 -8.05
CA ASN A 177 -13.41 -19.32 -7.94
C ASN A 177 -13.47 -19.69 -6.46
N ASN A 178 -13.78 -20.96 -6.21
CA ASN A 178 -13.87 -21.53 -4.87
C ASN A 178 -12.74 -22.52 -4.63
N SER A 179 -11.61 -22.34 -5.31
CA SER A 179 -10.51 -23.28 -5.16
C SER A 179 -9.99 -23.30 -3.73
N TYR A 180 -10.04 -22.14 -3.06
CA TYR A 180 -9.65 -22.06 -1.65
C TYR A 180 -10.45 -23.01 -0.78
N GLN A 181 -11.79 -22.92 -0.87
CA GLN A 181 -12.63 -23.78 -0.05
C GLN A 181 -12.46 -25.25 -0.44
N LYS A 182 -12.37 -25.53 -1.74
CA LYS A 182 -12.21 -26.91 -2.17
C LYS A 182 -10.87 -27.49 -1.76
N ASN A 183 -9.87 -26.64 -1.53
CA ASN A 183 -8.53 -27.02 -1.08
C ASN A 183 -8.43 -27.05 0.43
N ASP A 184 -9.52 -27.40 1.12
CA ASP A 184 -9.55 -27.46 2.59
C ASP A 184 -9.23 -26.10 3.20
N TYR A 185 -9.75 -25.05 2.56
CA TYR A 185 -9.68 -23.69 3.09
C TYR A 185 -8.23 -23.21 3.20
N GLU A 186 -7.48 -23.43 2.11
CA GLU A 186 -6.15 -22.90 1.92
C GLU A 186 -6.00 -22.52 0.45
N PHE A 187 -5.27 -21.44 0.18
CA PHE A 187 -5.02 -21.08 -1.20
C PHE A 187 -4.19 -22.16 -1.89
N THR A 188 -4.53 -22.46 -3.15
CA THR A 188 -3.78 -23.46 -3.89
C THR A 188 -2.37 -22.99 -4.21
N SER A 189 -2.15 -21.68 -4.15
CA SER A 189 -0.86 -21.05 -4.41
CA SER A 189 -0.86 -21.06 -4.37
C SER A 189 -0.93 -19.64 -3.85
N PRO A 190 0.20 -19.04 -3.50
CA PRO A 190 0.15 -17.67 -2.96
C PRO A 190 -0.24 -16.63 -3.99
N TYR A 191 -0.15 -16.94 -5.29
CA TYR A 191 -0.22 -15.93 -6.33
C TYR A 191 -1.42 -16.14 -7.24
N GLY A 192 -1.86 -15.05 -7.87
CA GLY A 192 -2.98 -15.11 -8.79
C GLY A 192 -4.31 -15.47 -8.17
N GLN A 193 -4.46 -15.28 -6.87
CA GLN A 193 -5.71 -15.58 -6.17
C GLN A 193 -6.59 -14.36 -6.31
N MET A 194 -7.43 -14.37 -7.33
CA MET A 194 -8.04 -13.15 -7.84
C MET A 194 -9.43 -12.97 -7.26
N TYR A 195 -9.74 -11.72 -6.93
CA TYR A 195 -11.12 -11.34 -6.65
C TYR A 195 -11.34 -9.98 -7.26
N THR A 196 -12.57 -9.71 -7.65
CA THR A 196 -12.95 -8.40 -8.15
CA THR A 196 -12.92 -8.39 -8.14
C THR A 196 -13.29 -7.53 -6.95
N TYR A 197 -12.73 -6.32 -6.92
CA TYR A 197 -12.90 -5.41 -5.80
C TYR A 197 -13.72 -4.22 -6.26
N TRP A 198 -14.77 -3.91 -5.50
CA TRP A 198 -15.55 -2.70 -5.70
C TRP A 198 -15.44 -1.84 -4.46
N LEU A 199 -15.16 -0.56 -4.65
CA LEU A 199 -15.15 0.41 -3.56
C LEU A 199 -15.87 1.65 -4.07
N GLU A 200 -16.94 2.05 -3.38
CA GLU A 200 -17.78 3.15 -3.84
C GLU A 200 -16.94 4.35 -4.27
N ASP A 201 -17.13 4.76 -5.53
CA ASP A 201 -16.51 5.96 -6.11
C ASP A 201 -14.99 5.89 -6.08
N ALA A 202 -14.42 4.68 -6.06
CA ALA A 202 -12.98 4.54 -6.03
C ALA A 202 -12.50 3.46 -7.00
N ILE A 203 -12.92 2.23 -6.79
CA ILE A 203 -12.49 1.09 -7.60
C ILE A 203 -13.74 0.46 -8.20
N ASP A 204 -13.82 0.46 -9.54
CA ASP A 204 -15.02 0.02 -10.23
C ASP A 204 -14.85 -1.43 -10.71
N ASN A 205 -14.93 -2.35 -9.75
CA ASN A 205 -14.95 -3.78 -10.02
C ASN A 205 -13.70 -4.21 -10.79
N VAL A 206 -12.55 -3.96 -10.17
CA VAL A 206 -11.24 -4.21 -10.78
C VAL A 206 -10.66 -5.46 -10.14
N PRO A 207 -10.16 -6.42 -10.93
CA PRO A 207 -9.50 -7.59 -10.34
C PRO A 207 -8.27 -7.19 -9.55
N GLU A 208 -8.12 -7.79 -8.38
CA GLU A 208 -6.87 -7.70 -7.65
C GLU A 208 -6.61 -9.07 -7.01
N TYR A 209 -5.53 -9.17 -6.25
CA TYR A 209 -5.03 -10.48 -5.84
C TYR A 209 -4.76 -10.49 -4.36
N VAL A 210 -5.06 -11.62 -3.73
CA VAL A 210 -4.72 -11.78 -2.32
C VAL A 210 -3.21 -11.69 -2.16
N VAL A 211 -2.78 -11.03 -1.09
CA VAL A 211 -1.37 -11.05 -0.70
C VAL A 211 -1.27 -11.83 0.60
N PRO A 212 -1.08 -13.15 0.56
CA PRO A 212 -0.92 -13.90 1.82
C PRO A 212 0.29 -13.35 2.55
N PHE A 213 0.06 -12.78 3.73
CA PHE A 213 1.14 -11.99 4.30
C PHE A 213 2.38 -12.83 4.59
N GLU A 214 2.21 -14.12 4.90
CA GLU A 214 3.36 -14.97 5.15
C GLU A 214 4.24 -15.10 3.90
N THR A 215 3.63 -15.05 2.72
CA THR A 215 4.41 -15.08 1.48
C THR A 215 5.08 -13.74 1.23
N LEU A 216 4.36 -12.63 1.41
CA LEU A 216 5.02 -11.33 1.31
C LEU A 216 6.21 -11.26 2.26
N ARG A 217 6.04 -11.73 3.50
CA ARG A 217 7.13 -11.70 4.45
C ARG A 217 8.28 -12.60 4.01
N SER A 218 7.95 -13.79 3.50
CA SER A 218 9.00 -14.73 3.08
C SER A 218 9.78 -14.18 1.89
N LEU A 219 9.06 -13.66 0.90
CA LEU A 219 9.73 -13.04 -0.24
C LEU A 219 10.56 -11.84 0.18
N ALA A 220 10.00 -10.98 1.02
CA ALA A 220 10.77 -9.83 1.47
C ALA A 220 12.07 -10.27 2.13
N ASP A 221 11.99 -11.29 2.99
CA ASP A 221 13.19 -11.80 3.65
C ASP A 221 14.21 -12.31 2.65
N GLU A 222 13.76 -13.00 1.61
CA GLU A 222 14.67 -13.50 0.58
C GLU A 222 15.44 -12.36 -0.06
N TYR A 223 14.82 -11.20 -0.21
CA TYR A 223 15.44 -10.05 -0.85
C TYR A 223 16.05 -9.08 0.14
N GLY A 224 16.22 -9.49 1.40
CA GLY A 224 17.00 -8.73 2.35
C GLY A 224 16.19 -7.77 3.19
N LEU A 225 14.87 -7.93 3.26
CA LEU A 225 13.98 -7.04 3.97
C LEU A 225 13.37 -7.77 5.16
N GLU A 226 13.48 -7.17 6.34
CA GLU A 226 13.04 -7.77 7.59
C GLU A 226 11.76 -7.07 8.08
N LEU A 227 10.77 -7.84 8.52
CA LEU A 227 9.53 -7.23 8.97
C LEU A 227 9.76 -6.42 10.24
N VAL A 228 9.28 -5.18 10.25
CA VAL A 228 9.29 -4.35 11.44
C VAL A 228 7.92 -4.32 12.11
N SER A 229 6.86 -4.24 11.31
CA SER A 229 5.53 -4.13 11.87
C SER A 229 4.51 -4.53 10.81
N GLN A 230 3.52 -5.29 11.22
CA GLN A 230 2.35 -5.54 10.38
C GLN A 230 1.14 -5.48 11.27
N MET A 231 0.20 -4.60 10.94
CA MET A 231 -0.95 -4.33 11.82
CA MET A 231 -0.93 -4.35 11.79
C MET A 231 -2.17 -4.01 10.97
N PRO A 232 -3.31 -4.66 11.21
CA PRO A 232 -4.56 -4.22 10.56
C PRO A 232 -4.79 -2.74 10.86
N PHE A 233 -5.48 -2.05 9.94
CA PHE A 233 -5.70 -0.62 10.08
C PHE A 233 -6.29 -0.24 11.44
N ASN A 234 -7.27 -1.01 11.94
CA ASN A 234 -7.89 -0.62 13.19
C ASN A 234 -6.89 -0.62 14.32
N LYS A 235 -6.01 -1.62 14.38
CA LYS A 235 -5.03 -1.66 15.46
C LYS A 235 -3.93 -0.63 15.27
N PHE A 236 -3.54 -0.36 14.02
CA PHE A 236 -2.54 0.68 13.76
C PHE A 236 -3.09 2.04 14.17
N PHE A 237 -4.34 2.31 13.83
CA PHE A 237 -4.94 3.60 14.17
C PHE A 237 -4.99 3.78 15.69
N VAL A 238 -5.40 2.74 16.42
CA VAL A 238 -5.44 2.82 17.87
C VAL A 238 -4.05 3.09 18.44
N GLN A 239 -3.03 2.45 17.86
CA GLN A 239 -1.67 2.65 18.33
C GLN A 239 -1.19 4.09 18.10
N GLU A 240 -1.52 4.67 16.95
CA GLU A 240 -0.96 5.96 16.58
C GLU A 240 -1.81 7.16 16.98
N ILE A 241 -3.12 6.97 17.16
CA ILE A 241 -4.00 8.14 17.33
C ILE A 241 -3.66 8.97 18.55
N PRO A 242 -3.13 8.44 19.68
CA PRO A 242 -2.83 9.34 20.80
C PRO A 242 -1.88 10.46 20.43
N LYS A 243 -0.89 10.21 19.57
CA LYS A 243 0.02 11.27 19.20
C LYS A 243 -0.52 12.13 18.06
N TRP A 244 -1.63 11.74 17.43
CA TRP A 244 -2.13 12.46 16.27
C TRP A 244 -3.32 13.36 16.56
N ILE A 245 -4.00 13.18 17.69
CA ILE A 245 -5.17 13.99 17.97
C ILE A 245 -4.82 15.47 17.91
N GLU A 246 -3.68 15.86 18.52
CA GLU A 246 -3.29 17.26 18.53
CA GLU A 246 -3.28 17.26 18.53
C GLU A 246 -2.87 17.76 17.16
N ARG A 247 -2.41 16.86 16.28
CA ARG A 247 -1.88 17.26 14.98
C ARG A 247 -2.98 17.52 13.95
N PHE A 248 -4.07 16.77 14.03
CA PHE A 248 -5.17 16.93 13.10
C PHE A 248 -5.88 18.26 13.34
N SER A 249 -6.25 18.93 12.24
CA SER A 249 -7.06 20.14 12.31
C SER A 249 -8.42 19.81 12.92
N PRO A 250 -9.15 20.83 13.39
CA PRO A 250 -10.51 20.56 13.91
C PRO A 250 -11.39 19.79 12.93
N LYS A 251 -11.42 20.19 11.66
CA LYS A 251 -12.26 19.50 10.69
C LYS A 251 -11.77 18.07 10.47
N MET A 252 -10.46 17.85 10.49
CA MET A 252 -9.94 16.50 10.36
CA MET A 252 -9.92 16.51 10.37
C MET A 252 -10.34 15.64 11.54
N ARG A 253 -10.23 16.17 12.76
CA ARG A 253 -10.67 15.44 13.95
C ARG A 253 -12.15 15.11 13.86
N GLU A 254 -12.97 16.11 13.51
CA GLU A 254 -14.41 15.91 13.42
CA GLU A 254 -14.40 15.90 13.43
C GLU A 254 -14.74 14.79 12.44
N GLY A 255 -14.02 14.72 11.32
CA GLY A 255 -14.27 13.68 10.33
C GLY A 255 -13.79 12.32 10.74
N LEU A 256 -13.08 12.21 11.87
CA LEU A 256 -12.60 10.95 12.40
C LEU A 256 -13.26 10.55 13.71
N GLN A 257 -14.04 11.43 14.32
CA GLN A 257 -14.55 11.15 15.66
C GLN A 257 -15.91 10.46 15.61
N ARG A 258 -16.09 9.49 16.48
CA ARG A 258 -17.35 8.78 16.65
C ARG A 258 -18.19 9.46 17.73
N SER A 259 -19.47 9.12 17.75
CA SER A 259 -20.37 9.75 18.71
C SER A 259 -20.07 9.36 20.14
N ASP A 260 -19.29 8.29 20.35
CA ASP A 260 -18.87 7.94 21.71
C ASP A 260 -17.54 8.58 22.08
N GLY A 261 -17.04 9.51 21.27
CA GLY A 261 -15.88 10.29 21.61
C GLY A 261 -14.58 9.68 21.17
N ARG A 262 -14.56 8.39 20.88
CA ARG A 262 -13.36 7.76 20.37
C ARG A 262 -13.17 8.15 18.90
N TYR A 263 -11.93 8.07 18.44
CA TYR A 263 -11.64 8.33 17.03
C TYR A 263 -11.53 7.00 16.30
N GLY A 264 -11.95 7.01 15.05
CA GLY A 264 -11.93 5.81 14.25
C GLY A 264 -13.21 5.71 13.45
N VAL A 265 -13.49 4.50 12.96
CA VAL A 265 -14.62 4.30 12.07
C VAL A 265 -15.60 3.33 12.72
N GLU A 266 -16.87 3.46 12.32
CA GLU A 266 -17.92 2.55 12.73
C GLU A 266 -18.77 2.27 11.50
N GLY A 267 -19.77 1.41 11.66
CA GLY A 267 -20.63 1.15 10.51
C GLY A 267 -19.90 0.42 9.40
N ASP A 268 -20.39 0.62 8.17
CA ASP A 268 -19.83 -0.13 7.04
C ASP A 268 -18.38 0.23 6.80
N GLU A 269 -17.99 1.49 7.04
CA GLU A 269 -16.60 1.85 6.81
C GLU A 269 -15.66 1.18 7.82
N LYS A 270 -16.18 0.75 8.98
CA LYS A 270 -15.35 0.00 9.92
C LYS A 270 -14.78 -1.26 9.27
N GLU A 271 -15.64 -2.06 8.64
CA GLU A 271 -15.14 -3.25 7.98
C GLU A 271 -14.36 -2.89 6.72
N ALA A 272 -14.93 -2.02 5.87
CA ALA A 272 -14.31 -1.74 4.57
C ALA A 272 -12.93 -1.14 4.71
N ALA A 273 -12.72 -0.26 5.70
CA ALA A 273 -11.42 0.38 5.87
C ALA A 273 -10.57 -0.27 6.95
N SER A 274 -11.12 -0.46 8.15
CA SER A 274 -10.24 -0.76 9.28
C SER A 274 -10.04 -2.25 9.51
N TYR A 275 -10.90 -3.10 8.96
CA TYR A 275 -10.68 -4.54 9.02
C TYR A 275 -10.08 -5.09 7.73
N PHE A 276 -10.50 -4.55 6.59
CA PHE A 276 -10.12 -5.16 5.33
C PHE A 276 -8.64 -4.94 5.02
N TYR A 277 -8.04 -3.86 5.54
CA TYR A 277 -6.69 -3.47 5.17
C TYR A 277 -5.71 -3.62 6.34
N THR A 278 -4.46 -3.92 5.99
CA THR A 278 -3.37 -3.91 6.95
C THR A 278 -2.30 -2.95 6.46
N MET A 279 -1.57 -2.36 7.39
CA MET A 279 -0.32 -1.73 7.01
C MET A 279 0.82 -2.73 7.20
N PHE A 280 1.99 -2.35 6.71
CA PHE A 280 3.19 -3.13 6.97
C PHE A 280 4.38 -2.20 6.87
N ALA A 281 5.46 -2.60 7.52
CA ALA A 281 6.72 -1.89 7.35
C ALA A 281 7.85 -2.91 7.44
N PHE A 282 8.78 -2.83 6.51
CA PHE A 282 9.98 -3.65 6.51
C PHE A 282 11.19 -2.74 6.56
N ARG A 283 12.30 -3.27 7.05
CA ARG A 283 13.57 -2.57 6.99
C ARG A 283 14.54 -3.39 6.16
N LYS A 284 15.30 -2.74 5.29
CA LYS A 284 16.33 -3.45 4.54
C LYS A 284 17.53 -3.70 5.44
N VAL A 285 17.91 -4.98 5.59
CA VAL A 285 18.97 -5.36 6.50
C VAL A 285 20.20 -5.87 5.79
N LYS A 286 20.09 -6.25 4.53
CA LYS A 286 21.24 -6.77 3.82
C LYS A 286 21.01 -6.54 2.33
N GLN A 287 22.12 -6.54 1.61
CA GLN A 287 22.08 -6.33 0.17
C GLN A 287 21.86 -7.68 -0.51
N TYR A 288 20.79 -7.76 -1.29
CA TYR A 288 20.51 -8.97 -2.04
C TYR A 288 21.50 -9.15 -3.17
N ILE A 289 22.06 -10.34 -3.28
CA ILE A 289 22.94 -10.70 -4.38
C ILE A 289 22.30 -11.88 -5.10
N GLU A 290 22.07 -11.72 -6.40
CA GLU A 290 21.33 -12.73 -7.14
C GLU A 290 22.08 -14.06 -7.12
N PRO A 291 21.41 -15.17 -6.83
CA PRO A 291 22.08 -16.48 -6.84
C PRO A 291 22.79 -16.74 -8.16
N GLU A 292 23.99 -17.30 -8.05
CA GLU A 292 24.83 -17.71 -9.17
C GLU A 292 25.23 -16.56 -10.08
N SER A 293 25.14 -15.32 -9.59
CA SER A 293 25.47 -14.17 -10.40
C SER A 293 26.95 -13.79 -10.33
N VAL A 294 27.69 -14.30 -9.35
CA VAL A 294 29.07 -13.87 -9.13
C VAL A 294 29.99 -14.81 -9.91
N LYS A 295 30.55 -14.31 -11.00
CA LYS A 295 31.29 -15.11 -11.96
C LYS A 295 32.79 -14.88 -11.84
N PRO A 296 33.62 -15.77 -12.39
CA PRO A 296 35.07 -15.60 -12.24
C PRO A 296 35.65 -14.65 -13.29
#